data_4FBN
#
_entry.id   4FBN
#
_cell.length_a   53.752
_cell.length_b   59.610
_cell.length_c   76.923
_cell.angle_alpha   90.00
_cell.angle_beta   90.00
_cell.angle_gamma   90.00
#
_symmetry.space_group_name_H-M   'P 21 2 21'
#
loop_
_entity.id
_entity.type
_entity.pdbx_description
1 polymer '1-phosphatidylinositol 4,5-bisphosphate phosphodiesterase gamma-1'
2 water water
#
_entity_poly.entity_id   1
_entity_poly.type   'polypeptide(L)'
_entity_poly.pdbx_seq_one_letter_code
;HSNEKWFHGKLGAGRDGRHIAERLLTEYCIETGAPDGSFLVRESETFVGDYTLSFWRNGKVQHCRIHSRQDAGTPKFFLT
DNLVFDSLYDLITHYQQVPLRCNEFEMRLSEPVPQTNAHESKEWYHASLTRAQAEHMLMRVPRDGAFLVRKRNEPNSYAI
SFRAEGKIKHCRVQQEGQTVMLGNSEFDSLVDLISYYEKHPLYRKMKLRYPINEEALEKIGTAEPDYGALYEGRNPGFYV
EANPMP
;
_entity_poly.pdbx_strand_id   A
#
# COMPACT_ATOMS: atom_id res chain seq x y z
N ASN A 3 -3.45 5.91 -11.36
CA ASN A 3 -3.07 4.50 -11.38
C ASN A 3 -3.87 3.67 -10.35
N GLU A 4 -5.22 3.79 -10.37
CA GLU A 4 -6.14 3.05 -9.49
C GLU A 4 -5.77 3.14 -7.99
N LYS A 5 -5.55 4.38 -7.52
CA LYS A 5 -5.18 4.72 -6.14
C LYS A 5 -6.27 4.30 -5.12
N TRP A 6 -7.52 4.50 -5.53
CA TRP A 6 -8.74 4.20 -4.76
C TRP A 6 -9.12 2.72 -4.84
N PHE A 7 -8.56 1.94 -5.77
CA PHE A 7 -8.87 0.52 -5.91
C PHE A 7 -8.06 -0.31 -4.92
N HIS A 8 -8.72 -1.01 -4.01
CA HIS A 8 -8.06 -1.79 -2.97
C HIS A 8 -8.13 -3.30 -3.22
N GLY A 9 -8.91 -3.74 -4.21
CA GLY A 9 -9.09 -5.16 -4.51
C GLY A 9 -9.76 -5.89 -3.36
N LYS A 10 -9.29 -7.11 -3.03
CA LYS A 10 -9.83 -7.93 -1.95
C LYS A 10 -9.25 -7.43 -0.62
N LEU A 11 -10.10 -7.25 0.40
CA LEU A 11 -9.69 -6.79 1.73
C LEU A 11 -9.83 -7.98 2.70
N GLY A 12 -8.81 -8.85 2.64
CA GLY A 12 -8.73 -10.08 3.42
C GLY A 12 -9.67 -11.12 2.88
N ALA A 13 -10.87 -11.19 3.49
CA ALA A 13 -11.92 -12.14 3.16
C ALA A 13 -13.29 -11.42 2.96
N GLY A 14 -14.43 -12.16 3.06
CA GLY A 14 -15.79 -11.59 2.93
C GLY A 14 -16.42 -11.45 4.32
N ASP A 16 -15.18 -9.72 6.79
CA ASP A 16 -14.36 -8.65 7.38
C ASP A 16 -13.95 -7.58 6.36
N GLY A 17 -14.10 -7.83 5.07
CA GLY A 17 -13.78 -6.85 4.04
C GLY A 17 -14.55 -5.56 4.19
N ARG A 18 -15.83 -5.63 4.58
CA ARG A 18 -16.66 -4.45 4.81
C ARG A 18 -16.09 -3.65 5.97
N HIS A 19 -15.77 -4.35 7.05
CA HIS A 19 -15.24 -3.71 8.25
C HIS A 19 -13.87 -3.14 8.01
N ILE A 20 -13.03 -3.83 7.23
CA ILE A 20 -11.70 -3.30 6.90
C ILE A 20 -11.86 -1.99 6.09
N ALA A 21 -12.78 -1.94 5.11
CA ALA A 21 -13.07 -0.74 4.32
C ALA A 21 -13.45 0.40 5.24
N GLU A 22 -14.40 0.15 6.15
CA GLU A 22 -14.82 1.14 7.11
C GLU A 22 -13.64 1.65 7.90
N ARG A 23 -12.82 0.74 8.45
CA ARG A 23 -11.60 1.08 9.22
C ARG A 23 -10.67 1.97 8.41
N LEU A 24 -10.37 1.55 7.19
CA LEU A 24 -9.47 2.28 6.29
C LEU A 24 -9.95 3.70 6.06
N LEU A 25 -11.24 3.85 5.78
CA LEU A 25 -11.89 5.15 5.58
C LEU A 25 -11.89 5.97 6.82
N THR A 26 -12.25 5.38 7.99
CA THR A 26 -12.25 6.21 9.20
C THR A 26 -10.83 6.73 9.47
N GLU A 27 -9.81 5.87 9.34
CA GLU A 27 -8.40 6.25 9.53
C GLU A 27 -7.98 7.43 8.63
N TYR A 28 -8.12 7.30 7.31
CA TYR A 28 -7.74 8.36 6.37
C TYR A 28 -8.52 9.67 6.61
N CYS A 29 -9.84 9.56 6.72
CA CYS A 29 -10.70 10.70 6.89
C CYS A 29 -10.53 11.43 8.20
N ILE A 30 -10.33 10.71 9.32
CA ILE A 30 -10.15 11.41 10.61
C ILE A 30 -8.73 12.04 10.70
N GLU A 31 -7.64 11.30 10.25
CA GLU A 31 -6.26 11.79 10.35
C GLU A 31 -6.02 13.01 9.47
N THR A 32 -6.50 12.95 8.23
CA THR A 32 -6.31 14.01 7.24
C THR A 32 -7.42 15.06 7.18
N GLY A 33 -8.53 14.87 7.91
CA GLY A 33 -9.66 15.78 7.84
C GLY A 33 -10.32 15.79 6.48
N ALA A 34 -10.46 14.62 5.87
CA ALA A 34 -11.01 14.49 4.53
C ALA A 34 -12.50 14.82 4.40
N PRO A 35 -12.91 15.28 3.21
CA PRO A 35 -14.31 15.67 3.01
C PRO A 35 -15.26 14.51 2.87
N ASP A 36 -16.56 14.81 2.96
CA ASP A 36 -17.58 13.79 2.73
C ASP A 36 -17.49 13.40 1.28
N GLY A 37 -17.55 12.11 1.01
CA GLY A 37 -17.44 11.58 -0.34
C GLY A 37 -16.09 10.97 -0.59
N SER A 38 -15.23 10.93 0.44
CA SER A 38 -13.90 10.34 0.32
C SER A 38 -14.14 8.84 0.30
N PHE A 39 -13.49 8.15 -0.64
CA PHE A 39 -13.85 6.82 -1.01
C PHE A 39 -12.73 5.86 -1.43
N LEU A 40 -13.19 4.60 -1.67
CA LEU A 40 -12.36 3.54 -2.19
C LEU A 40 -13.26 2.53 -2.84
N VAL A 41 -12.67 1.69 -3.70
CA VAL A 41 -13.36 0.59 -4.37
C VAL A 41 -12.63 -0.66 -3.96
N ARG A 42 -13.37 -1.71 -3.74
CA ARG A 42 -12.86 -3.00 -3.33
C ARG A 42 -13.72 -4.09 -3.95
N GLU A 43 -13.33 -5.34 -3.81
CA GLU A 43 -14.13 -6.46 -4.29
C GLU A 43 -15.31 -6.66 -3.35
N SER A 44 -16.47 -7.09 -3.89
CA SER A 44 -17.66 -7.31 -3.09
C SER A 44 -17.55 -8.58 -2.25
N GLU A 45 -18.12 -8.51 -1.06
CA GLU A 45 -18.14 -9.61 -0.08
C GLU A 45 -19.26 -10.59 -0.45
N THR A 46 -20.42 -10.04 -0.83
CA THR A 46 -21.64 -10.79 -1.13
C THR A 46 -21.83 -11.17 -2.59
N PHE A 47 -21.40 -10.30 -3.52
CA PHE A 47 -21.68 -10.46 -4.95
C PHE A 47 -20.42 -10.80 -5.73
N VAL A 48 -20.23 -12.08 -6.08
CA VAL A 48 -19.05 -12.56 -6.81
C VAL A 48 -18.86 -11.76 -8.06
N GLY A 49 -17.66 -11.24 -8.30
CA GLY A 49 -17.35 -10.49 -9.51
C GLY A 49 -17.75 -9.03 -9.52
N ASP A 50 -18.43 -8.56 -8.47
CA ASP A 50 -18.83 -7.17 -8.34
C ASP A 50 -17.87 -6.51 -7.39
N TYR A 51 -18.03 -5.23 -7.22
CA TYR A 51 -17.21 -4.42 -6.34
C TYR A 51 -18.11 -3.61 -5.47
N THR A 52 -17.57 -3.04 -4.39
CA THR A 52 -18.33 -2.08 -3.61
C THR A 52 -17.51 -0.80 -3.48
N LEU A 53 -18.21 0.32 -3.60
CA LEU A 53 -17.71 1.66 -3.49
C LEU A 53 -18.07 2.04 -2.08
N SER A 54 -17.07 2.24 -1.22
CA SER A 54 -17.28 2.63 0.16
C SER A 54 -16.90 4.12 0.28
N PHE A 55 -17.79 4.98 0.82
CA PHE A 55 -17.47 6.40 0.96
C PHE A 55 -17.91 7.00 2.28
N TRP A 56 -17.33 8.16 2.60
CA TRP A 56 -17.51 8.89 3.87
C TRP A 56 -18.70 9.84 3.91
N ARG A 57 -19.44 9.83 5.04
CA ARG A 57 -20.60 10.69 5.29
C ARG A 57 -20.60 11.15 6.73
N ASN A 58 -19.86 12.21 7.02
CA ASN A 58 -19.78 12.81 8.34
C ASN A 58 -19.66 11.78 9.47
N GLY A 59 -18.66 10.89 9.38
CA GLY A 59 -18.41 9.86 10.40
C GLY A 59 -18.96 8.48 10.08
N LYS A 60 -19.97 8.42 9.25
CA LYS A 60 -20.55 7.17 8.81
C LYS A 60 -19.92 6.87 7.46
N VAL A 61 -19.97 5.60 7.00
CA VAL A 61 -19.52 5.20 5.67
C VAL A 61 -20.67 4.51 4.94
N GLN A 62 -20.91 4.93 3.68
CA GLN A 62 -21.95 4.36 2.84
C GLN A 62 -21.34 3.31 1.86
N HIS A 63 -22.01 2.16 1.71
CA HIS A 63 -21.57 1.12 0.78
C HIS A 63 -22.56 0.99 -0.38
N CYS A 64 -22.03 1.03 -1.61
CA CYS A 64 -22.79 0.92 -2.84
C CYS A 64 -22.22 -0.20 -3.71
N ARG A 65 -23.09 -1.07 -4.17
CA ARG A 65 -22.68 -2.17 -5.04
C ARG A 65 -22.43 -1.64 -6.46
N ILE A 66 -21.23 -1.94 -7.03
CA ILE A 66 -20.93 -1.63 -8.43
C ILE A 66 -21.10 -2.96 -9.17
N HIS A 67 -22.28 -3.14 -9.80
CA HIS A 67 -22.61 -4.31 -10.62
C HIS A 67 -21.62 -4.36 -11.79
N SER A 68 -21.12 -5.57 -12.17
CA SER A 68 -20.17 -5.75 -13.28
C SER A 68 -20.66 -6.80 -14.28
N ARG A 69 -20.97 -6.37 -15.51
CA ARG A 69 -21.45 -7.29 -16.55
C ARG A 69 -20.37 -7.49 -17.62
N GLN A 70 -20.43 -8.64 -18.34
CA GLN A 70 -19.49 -9.01 -19.42
C GLN A 70 -20.16 -8.99 -20.81
N ASP A 71 -21.43 -8.51 -20.90
CA ASP A 71 -22.22 -8.42 -22.14
C ASP A 71 -21.41 -8.19 -23.44
N ALA A 72 -21.48 -9.16 -24.39
CA ALA A 72 -20.76 -9.12 -25.67
C ALA A 72 -19.22 -9.00 -25.52
N GLY A 73 -18.67 -9.60 -24.46
CA GLY A 73 -17.24 -9.53 -24.15
C GLY A 73 -16.72 -8.12 -23.90
N THR A 74 -17.62 -7.21 -23.46
CA THR A 74 -17.32 -5.80 -23.22
C THR A 74 -17.69 -5.44 -21.77
N PRO A 75 -16.71 -5.39 -20.83
CA PRO A 75 -17.05 -5.06 -19.43
C PRO A 75 -17.90 -3.79 -19.26
N LYS A 76 -18.97 -3.89 -18.44
CA LYS A 76 -19.88 -2.79 -18.16
C LYS A 76 -20.10 -2.64 -16.65
N PHE A 77 -19.44 -1.65 -16.01
CA PHE A 77 -19.56 -1.37 -14.58
C PHE A 77 -20.65 -0.33 -14.38
N PHE A 78 -21.56 -0.54 -13.43
CA PHE A 78 -22.67 0.39 -13.19
C PHE A 78 -23.20 0.32 -11.77
N LEU A 79 -23.80 1.43 -11.32
CA LEU A 79 -24.39 1.63 -9.99
C LEU A 79 -25.91 1.44 -10.06
N THR A 80 -26.55 1.97 -11.13
CA THR A 80 -27.99 1.78 -11.38
C THR A 80 -28.18 1.48 -12.89
N ASP A 81 -29.18 0.65 -13.22
CA ASP A 81 -29.48 0.26 -14.62
C ASP A 81 -29.62 1.47 -15.56
N ASN A 82 -30.11 2.61 -15.04
CA ASN A 82 -30.28 3.88 -15.77
C ASN A 82 -28.98 4.38 -16.42
N LEU A 83 -27.89 4.51 -15.62
CA LEU A 83 -26.58 5.02 -16.07
C LEU A 83 -25.50 3.92 -16.02
N VAL A 84 -25.00 3.48 -17.19
CA VAL A 84 -24.00 2.41 -17.33
C VAL A 84 -22.65 2.97 -17.84
N PHE A 85 -21.51 2.38 -17.38
CA PHE A 85 -20.14 2.81 -17.74
C PHE A 85 -19.31 1.67 -18.32
N ASP A 86 -18.16 2.03 -18.94
CA ASP A 86 -17.23 1.09 -19.59
C ASP A 86 -16.08 0.66 -18.66
N SER A 87 -15.62 1.55 -17.76
CA SER A 87 -14.54 1.26 -16.80
C SER A 87 -14.90 1.78 -15.41
N LEU A 88 -14.22 1.26 -14.36
CA LEU A 88 -14.44 1.76 -13.00
C LEU A 88 -13.97 3.21 -12.93
N TYR A 89 -12.91 3.57 -13.70
CA TYR A 89 -12.40 4.95 -13.79
C TYR A 89 -13.50 5.92 -14.24
N ASP A 90 -14.25 5.55 -15.28
CA ASP A 90 -15.34 6.40 -15.81
C ASP A 90 -16.43 6.57 -14.77
N LEU A 91 -16.83 5.47 -14.11
CA LEU A 91 -17.87 5.51 -13.07
C LEU A 91 -17.43 6.43 -11.93
N ILE A 92 -16.22 6.20 -11.41
CA ILE A 92 -15.69 7.01 -10.30
C ILE A 92 -15.62 8.45 -10.75
N THR A 93 -14.95 8.72 -11.90
CA THR A 93 -14.83 10.09 -12.46
C THR A 93 -16.18 10.75 -12.77
N HIS A 94 -17.21 9.98 -13.15
CA HIS A 94 -18.55 10.53 -13.40
C HIS A 94 -19.23 10.88 -12.09
N TYR A 95 -19.19 9.97 -11.10
CA TYR A 95 -19.80 10.25 -9.81
C TYR A 95 -18.98 11.22 -8.97
N GLN A 96 -17.69 11.46 -9.35
CA GLN A 96 -16.87 12.51 -8.77
C GLN A 96 -17.46 13.89 -9.14
N GLN A 97 -18.10 13.99 -10.32
CA GLN A 97 -18.70 15.23 -10.82
C GLN A 97 -20.22 15.26 -10.55
N VAL A 98 -20.96 14.24 -11.00
CA VAL A 98 -22.42 14.15 -10.83
C VAL A 98 -22.71 13.52 -9.45
N PRO A 99 -23.63 14.05 -8.62
CA PRO A 99 -23.89 13.39 -7.32
C PRO A 99 -24.64 12.06 -7.38
N LEU A 100 -24.20 11.12 -6.52
CA LEU A 100 -24.78 9.80 -6.33
C LEU A 100 -26.17 9.97 -5.73
N ARG A 101 -27.20 9.24 -6.23
CA ARG A 101 -28.54 9.26 -5.62
C ARG A 101 -28.66 7.95 -4.81
N CYS A 102 -28.82 8.04 -3.46
CA CYS A 102 -28.89 6.88 -2.56
C CYS A 102 -30.22 6.83 -1.79
N ASN A 103 -31.35 7.22 -2.44
CA ASN A 103 -32.68 7.28 -1.83
C ASN A 103 -32.74 8.35 -0.70
N GLU A 104 -32.15 8.07 0.47
CA GLU A 104 -32.12 9.00 1.62
C GLU A 104 -31.39 10.33 1.33
N PHE A 105 -30.23 10.30 0.62
CA PHE A 105 -29.39 11.48 0.38
C PHE A 105 -28.71 11.47 -0.99
N GLU A 106 -28.06 12.59 -1.34
CA GLU A 106 -27.30 12.78 -2.59
C GLU A 106 -25.86 13.13 -2.22
N MET A 107 -24.87 12.66 -3.03
CA MET A 107 -23.44 12.85 -2.70
C MET A 107 -22.48 12.71 -3.91
N ARG A 108 -21.53 13.65 -4.12
CA ARG A 108 -20.51 13.51 -5.18
C ARG A 108 -19.28 12.82 -4.58
N LEU A 109 -18.58 11.99 -5.40
CA LEU A 109 -17.33 11.36 -4.94
C LEU A 109 -16.26 12.43 -4.84
N SER A 110 -15.51 12.36 -3.75
CA SER A 110 -14.54 13.37 -3.36
C SER A 110 -13.13 12.85 -3.60
N GLU A 111 -12.25 12.86 -2.59
CA GLU A 111 -10.89 12.38 -2.80
C GLU A 111 -10.74 10.89 -2.59
N PRO A 112 -9.81 10.28 -3.32
CA PRO A 112 -9.60 8.85 -3.18
C PRO A 112 -8.81 8.52 -1.94
N VAL A 113 -9.19 7.45 -1.23
CA VAL A 113 -8.46 6.99 -0.04
C VAL A 113 -7.39 5.98 -0.52
N PRO A 114 -6.07 6.28 -0.43
CA PRO A 114 -5.07 5.34 -0.98
C PRO A 114 -4.77 4.15 -0.09
N GLN A 115 -4.18 3.08 -0.68
CA GLN A 115 -3.79 1.91 0.10
C GLN A 115 -2.49 2.26 0.80
N THR A 116 -2.30 1.72 2.01
CA THR A 116 -1.07 1.90 2.80
C THR A 116 -0.16 0.64 2.74
N ASN A 117 -0.64 -0.44 2.06
CA ASN A 117 -0.02 -1.77 2.04
C ASN A 117 0.44 -2.30 0.65
N ALA A 118 0.77 -1.41 -0.29
CA ALA A 118 1.25 -1.80 -1.62
C ALA A 118 2.64 -2.49 -1.51
N HIS A 119 3.41 -2.17 -0.47
CA HIS A 119 4.68 -2.81 -0.17
C HIS A 119 4.58 -4.32 -0.01
N GLU A 120 3.43 -4.83 0.47
CA GLU A 120 3.24 -6.27 0.72
C GLU A 120 3.54 -7.22 -0.42
N SER A 121 3.28 -6.79 -1.67
CA SER A 121 3.53 -7.59 -2.89
C SER A 121 4.93 -7.36 -3.45
N LYS A 122 5.62 -6.31 -2.99
CA LYS A 122 6.95 -5.98 -3.49
C LYS A 122 7.97 -7.05 -3.08
N GLU A 123 8.92 -7.35 -3.99
CA GLU A 123 9.96 -8.39 -3.82
C GLU A 123 10.86 -8.14 -2.60
N TRP A 124 11.10 -6.86 -2.27
CA TRP A 124 11.95 -6.51 -1.13
C TRP A 124 11.29 -6.67 0.23
N TYR A 125 9.97 -6.88 0.26
CA TYR A 125 9.20 -6.97 1.51
C TYR A 125 9.03 -8.37 2.12
N HIS A 126 9.39 -8.49 3.42
CA HIS A 126 9.25 -9.72 4.22
C HIS A 126 8.37 -9.38 5.39
N ALA A 127 7.19 -9.97 5.46
CA ALA A 127 6.21 -9.75 6.54
C ALA A 127 6.61 -10.49 7.79
N SER A 128 7.53 -11.47 7.69
CA SER A 128 7.99 -12.26 8.82
C SER A 128 9.49 -12.59 8.66
N LEU A 129 10.38 -11.75 9.21
CA LEU A 129 11.85 -11.91 9.19
C LEU A 129 12.43 -11.23 10.43
N THR A 130 13.17 -11.97 11.27
CA THR A 130 13.86 -11.42 12.45
C THR A 130 15.07 -10.60 11.93
N ARG A 131 15.73 -9.77 12.79
CA ARG A 131 16.92 -9.02 12.36
C ARG A 131 18.04 -9.98 12.03
N ALA A 132 18.21 -11.07 12.80
CA ALA A 132 19.22 -12.10 12.54
C ALA A 132 18.97 -12.83 11.21
N GLN A 133 17.68 -13.05 10.88
CA GLN A 133 17.30 -13.67 9.62
C GLN A 133 17.60 -12.70 8.46
N ALA A 134 17.35 -11.38 8.64
CA ALA A 134 17.75 -10.39 7.62
C ALA A 134 19.26 -10.33 7.42
N GLU A 135 20.02 -10.31 8.54
CA GLU A 135 21.48 -10.26 8.53
C GLU A 135 22.05 -11.47 7.81
N HIS A 136 21.56 -12.66 8.16
CA HIS A 136 22.01 -13.89 7.53
C HIS A 136 21.84 -13.85 6.00
N MET A 137 20.65 -13.46 5.53
CA MET A 137 20.39 -13.30 4.10
C MET A 137 21.27 -12.22 3.48
N LEU A 138 21.46 -11.07 4.19
CA LEU A 138 22.32 -9.97 3.70
C LEU A 138 23.80 -10.34 3.67
N MET A 139 24.26 -11.23 4.57
CA MET A 139 25.65 -11.70 4.54
C MET A 139 25.89 -12.54 3.28
N ARG A 140 24.87 -13.29 2.80
CA ARG A 140 24.98 -14.14 1.61
C ARG A 140 25.11 -13.32 0.30
N VAL A 141 24.84 -12.02 0.31
CA VAL A 141 24.96 -11.14 -0.85
C VAL A 141 26.14 -10.15 -0.57
N PRO A 142 27.38 -10.44 -1.01
CA PRO A 142 28.46 -9.49 -0.75
C PRO A 142 28.38 -8.40 -1.81
N ARG A 143 27.53 -7.42 -1.56
CA ARG A 143 27.24 -6.32 -2.47
C ARG A 143 26.67 -5.14 -1.71
N ASP A 144 27.26 -3.93 -1.88
CA ASP A 144 26.74 -2.70 -1.26
C ASP A 144 25.49 -2.30 -2.03
N GLY A 145 24.48 -1.82 -1.33
CA GLY A 145 23.19 -1.49 -1.92
C GLY A 145 22.16 -2.62 -1.81
N ALA A 146 22.59 -3.86 -1.45
CA ALA A 146 21.64 -4.97 -1.30
C ALA A 146 20.80 -4.66 -0.09
N PHE A 147 19.46 -4.79 -0.20
CA PHE A 147 18.55 -4.46 0.89
C PHE A 147 17.31 -5.30 0.94
N LEU A 148 16.60 -5.19 2.03
CA LEU A 148 15.28 -5.74 2.22
C LEU A 148 14.54 -4.88 3.25
N VAL A 149 13.22 -4.99 3.28
CA VAL A 149 12.38 -4.28 4.24
C VAL A 149 11.70 -5.40 5.02
N ARG A 150 11.85 -5.37 6.35
CA ARG A 150 11.28 -6.38 7.21
C ARG A 150 10.29 -5.74 8.17
N LYS A 151 9.20 -6.44 8.41
CA LYS A 151 8.18 -6.03 9.36
C LYS A 151 8.70 -6.33 10.78
N ARG A 152 8.51 -5.41 11.72
CA ARG A 152 8.91 -5.66 13.12
C ARG A 152 7.73 -6.29 13.92
N ASN A 153 8.01 -6.77 15.16
CA ASN A 153 6.99 -7.37 16.01
C ASN A 153 5.86 -6.43 16.37
N GLU A 154 6.15 -5.14 16.55
CA GLU A 154 5.13 -4.17 16.94
C GLU A 154 4.28 -3.81 15.71
N PRO A 155 2.97 -3.49 15.85
CA PRO A 155 2.21 -3.05 14.67
C PRO A 155 2.73 -1.74 14.09
N ASN A 156 2.61 -1.57 12.76
CA ASN A 156 3.00 -0.35 12.06
C ASN A 156 4.49 0.03 12.21
N SER A 157 5.38 -0.97 12.42
CA SER A 157 6.83 -0.76 12.61
C SER A 157 7.62 -1.67 11.66
N TYR A 158 8.60 -1.10 10.92
CA TYR A 158 9.43 -1.83 9.97
C TYR A 158 10.86 -1.48 10.10
N ALA A 159 11.71 -2.20 9.35
CA ALA A 159 13.11 -1.85 9.24
C ALA A 159 13.62 -2.09 7.85
N ILE A 160 14.53 -1.25 7.40
CA ILE A 160 15.25 -1.44 6.16
C ILE A 160 16.55 -2.04 6.62
N SER A 161 16.84 -3.27 6.25
CA SER A 161 18.11 -3.91 6.59
C SER A 161 18.94 -3.87 5.31
N PHE A 162 20.16 -3.31 5.35
CA PHE A 162 20.97 -3.14 4.13
C PHE A 162 22.44 -3.37 4.36
N ARG A 163 23.16 -3.65 3.25
CA ARG A 163 24.62 -3.83 3.28
C ARG A 163 25.24 -2.49 2.86
N ALA A 164 25.92 -1.81 3.78
CA ALA A 164 26.58 -0.54 3.49
C ALA A 164 28.06 -0.75 3.71
N GLU A 165 28.85 -0.54 2.65
CA GLU A 165 30.30 -0.70 2.69
C GLU A 165 30.74 -2.03 3.36
N GLY A 166 30.10 -3.14 2.96
CA GLY A 166 30.40 -4.47 3.48
C GLY A 166 29.77 -4.86 4.80
N LYS A 167 29.33 -3.86 5.61
CA LYS A 167 28.70 -4.13 6.91
C LYS A 167 27.19 -4.13 6.73
N ILE A 168 26.44 -4.78 7.62
CA ILE A 168 24.99 -4.81 7.55
C ILE A 168 24.43 -3.88 8.62
N LYS A 169 23.67 -2.85 8.20
CA LYS A 169 23.08 -1.86 9.13
C LYS A 169 21.55 -1.93 9.05
N HIS A 170 20.84 -1.28 9.97
CA HIS A 170 19.38 -1.35 10.04
C HIS A 170 18.77 0.05 10.28
N CYS A 171 17.75 0.44 9.49
CA CYS A 171 17.06 1.74 9.62
C CYS A 171 15.62 1.43 10.08
N ARG A 172 15.15 2.16 11.11
CA ARG A 172 13.80 1.98 11.67
C ARG A 172 12.83 2.85 10.89
N VAL A 173 11.73 2.24 10.38
CA VAL A 173 10.64 2.94 9.67
C VAL A 173 9.35 2.72 10.46
N GLN A 174 8.56 3.77 10.55
CA GLN A 174 7.36 3.78 11.36
C GLN A 174 6.18 4.32 10.57
N GLN A 175 5.10 3.56 10.48
CA GLN A 175 3.88 4.04 9.82
C GLN A 175 3.19 4.87 10.88
N GLU A 176 3.01 6.16 10.59
CA GLU A 176 2.38 7.10 11.51
C GLU A 176 1.13 7.62 10.82
N GLY A 177 0.08 6.81 10.90
CA GLY A 177 -1.19 7.13 10.28
C GLY A 177 -1.13 6.89 8.78
N GLN A 178 -1.25 7.97 7.98
CA GLN A 178 -1.25 7.90 6.51
C GLN A 178 0.14 8.20 5.86
N THR A 179 1.19 8.29 6.68
CA THR A 179 2.55 8.57 6.22
C THR A 179 3.49 7.66 6.97
N VAL A 180 4.70 7.48 6.43
CA VAL A 180 5.73 6.66 7.05
C VAL A 180 6.86 7.58 7.39
N MET A 181 7.46 7.33 8.54
CA MET A 181 8.54 8.15 9.05
C MET A 181 9.84 7.38 9.08
N LEU A 182 10.92 8.02 8.61
CA LEU A 182 12.30 7.55 8.69
C LEU A 182 13.02 8.67 9.45
N GLY A 183 13.16 8.49 10.76
CA GLY A 183 13.67 9.55 11.61
C GLY A 183 12.65 10.68 11.53
N ASN A 184 13.09 11.83 11.00
CA ASN A 184 12.23 13.00 10.78
C ASN A 184 11.76 13.11 9.33
N SER A 185 12.27 12.27 8.41
CA SER A 185 11.84 12.30 7.01
C SER A 185 10.46 11.65 6.90
N GLU A 186 9.53 12.29 6.19
CA GLU A 186 8.15 11.83 6.02
C GLU A 186 7.85 11.48 4.56
N PHE A 187 7.26 10.28 4.33
CA PHE A 187 6.83 9.82 2.99
C PHE A 187 5.40 9.30 3.09
N ASP A 188 4.67 9.28 1.97
CA ASP A 188 3.28 8.83 1.96
C ASP A 188 3.14 7.32 2.22
N SER A 189 4.14 6.55 1.88
CA SER A 189 4.08 5.11 2.09
C SER A 189 5.48 4.52 2.12
N LEU A 190 5.52 3.26 2.53
CA LEU A 190 6.74 2.48 2.58
C LEU A 190 7.28 2.29 1.16
N VAL A 191 6.38 2.18 0.20
CA VAL A 191 6.72 2.03 -1.22
C VAL A 191 7.43 3.25 -1.70
N ASP A 192 6.86 4.43 -1.42
CA ASP A 192 7.41 5.72 -1.84
C ASP A 192 8.75 6.02 -1.17
N LEU A 193 8.92 5.66 0.12
CA LEU A 193 10.20 5.79 0.82
C LEU A 193 11.31 5.04 0.05
N ILE A 194 11.05 3.77 -0.28
CA ILE A 194 12.00 2.89 -0.97
C ILE A 194 12.38 3.42 -2.35
N SER A 195 11.41 3.98 -3.09
CA SER A 195 11.66 4.57 -4.40
C SER A 195 12.58 5.74 -4.26
N TYR A 196 12.35 6.59 -3.25
CA TYR A 196 13.21 7.74 -2.99
C TYR A 196 14.62 7.29 -2.64
N TYR A 197 14.75 6.28 -1.76
CA TYR A 197 16.05 5.74 -1.38
C TYR A 197 16.72 4.81 -2.40
N GLU A 198 16.02 4.47 -3.50
CA GLU A 198 16.63 3.79 -4.66
C GLU A 198 17.41 4.85 -5.50
N LYS A 199 16.93 6.12 -5.49
CA LYS A 199 17.50 7.28 -6.22
C LYS A 199 18.46 8.10 -5.36
N HIS A 200 18.15 8.28 -4.07
CA HIS A 200 18.98 9.05 -3.16
C HIS A 200 19.61 8.15 -2.10
N PRO A 201 20.80 8.52 -1.55
CA PRO A 201 21.43 7.68 -0.51
C PRO A 201 20.63 7.59 0.79
N LEU A 202 20.52 6.37 1.33
CA LEU A 202 19.84 6.09 2.59
C LEU A 202 20.88 6.28 3.72
N TYR A 203 22.16 5.83 3.49
CA TYR A 203 23.19 5.88 4.50
C TYR A 203 24.55 6.03 3.87
N ARG A 204 25.13 7.24 3.93
CA ARG A 204 26.47 7.54 3.45
C ARG A 204 26.75 7.20 1.99
N LYS A 205 25.98 7.79 1.08
CA LYS A 205 26.16 7.60 -0.38
C LYS A 205 25.74 6.20 -0.89
N MET A 206 25.09 5.37 -0.05
CA MET A 206 24.60 4.05 -0.43
C MET A 206 23.12 4.17 -0.79
N LYS A 207 22.76 3.76 -1.99
CA LYS A 207 21.39 3.73 -2.46
C LYS A 207 20.85 2.28 -2.33
N LEU A 208 19.53 2.13 -2.35
CA LEU A 208 18.88 0.81 -2.29
C LEU A 208 18.90 0.23 -3.71
N ARG A 209 19.81 -0.72 -3.99
CA ARG A 209 20.01 -1.23 -5.34
C ARG A 209 19.48 -2.63 -5.57
N TYR A 210 19.89 -3.61 -4.75
CA TYR A 210 19.48 -5.01 -4.95
C TYR A 210 18.43 -5.53 -3.92
N PRO A 211 17.15 -5.68 -4.32
CA PRO A 211 16.16 -6.24 -3.38
C PRO A 211 16.39 -7.74 -3.11
N ILE A 212 16.48 -8.13 -1.82
CA ILE A 212 16.76 -9.51 -1.41
C ILE A 212 15.59 -10.28 -0.87
N ASN A 213 15.43 -11.47 -1.41
CA ASN A 213 14.45 -12.49 -1.04
C ASN A 213 15.15 -13.80 -1.33
N GLU A 214 14.46 -14.92 -1.16
CA GLU A 214 15.00 -16.24 -1.44
C GLU A 214 15.35 -16.44 -2.95
N GLU A 215 14.54 -15.90 -3.90
CA GLU A 215 14.83 -16.06 -5.34
C GLU A 215 16.09 -15.30 -5.69
N ALA A 216 16.19 -14.04 -5.24
CA ALA A 216 17.37 -13.17 -5.44
C ALA A 216 18.68 -13.84 -4.92
N LEU A 217 18.56 -14.61 -3.82
CA LEU A 217 19.68 -15.34 -3.24
C LEU A 217 20.10 -16.49 -4.14
N GLU A 218 19.15 -17.19 -4.76
CA GLU A 218 19.50 -18.27 -5.69
C GLU A 218 20.36 -17.72 -6.84
N LYS A 219 20.05 -16.49 -7.31
CA LYS A 219 20.76 -15.85 -8.41
C LYS A 219 22.14 -15.35 -7.96
N ILE A 220 22.17 -14.36 -7.04
CA ILE A 220 23.43 -13.81 -6.55
C ILE A 220 24.00 -14.73 -5.46
N GLY A 221 23.52 -14.56 -4.23
CA GLY A 221 23.83 -15.33 -3.03
C GLY A 221 24.83 -16.49 -3.02
N THR A 222 25.47 -16.66 -1.87
CA THR A 222 26.52 -17.65 -1.64
C THR A 222 26.04 -18.75 -0.61
N ALA A 223 26.86 -19.11 0.41
CA ALA A 223 26.51 -20.09 1.44
C ALA A 223 27.10 -19.71 2.83
N GLU A 224 26.44 -18.78 3.53
CA GLU A 224 26.73 -18.25 4.88
C GLU A 224 28.14 -17.69 5.06
N PRO A 225 28.48 -16.59 4.36
CA PRO A 225 29.82 -16.00 4.49
C PRO A 225 29.90 -14.82 5.44
N ASP A 226 31.02 -14.08 5.36
CA ASP A 226 31.38 -12.84 6.04
C ASP A 226 30.63 -12.54 7.32
N TYR A 227 31.32 -12.59 8.47
CA TYR A 227 30.75 -12.21 9.76
C TYR A 227 31.23 -10.78 10.04
N GLY A 228 30.78 -9.87 9.16
CA GLY A 228 31.05 -8.44 9.20
C GLY A 228 29.74 -7.67 9.24
N TYR A 239 20.23 -0.33 15.21
CA TYR A 239 19.60 0.77 14.47
C TYR A 239 20.63 1.88 14.10
N VAL A 240 20.45 2.50 12.91
CA VAL A 240 21.35 3.56 12.38
C VAL A 240 20.52 4.72 11.76
N GLU A 241 21.09 5.94 11.80
CA GLU A 241 20.42 7.13 11.26
C GLU A 241 20.61 7.21 9.75
N ALA A 242 19.50 7.47 9.03
CA ALA A 242 19.48 7.64 7.59
C ALA A 242 19.80 9.07 7.24
N ASN A 243 19.99 9.33 5.94
CA ASN A 243 20.23 10.68 5.45
C ASN A 243 18.89 11.42 5.37
N PRO A 244 18.84 12.68 5.85
CA PRO A 244 17.58 13.45 5.77
C PRO A 244 17.15 13.84 4.33
N MET A 245 16.01 14.57 4.22
CA MET A 245 15.40 15.02 2.96
C MET A 245 14.76 13.82 2.22
#